data_4YHW
#
_entry.id   4YHW
#
_cell.length_a   144.672
_cell.length_b   59.565
_cell.length_c   109.783
_cell.angle_alpha   90.00
_cell.angle_beta   118.52
_cell.angle_gamma   90.00
#
_symmetry.space_group_name_H-M   'C 1 2 1'
#
loop_
_entity.id
_entity.type
_entity.pdbx_description
1 polymer 'U4/U6 small nuclear ribonucleoprotein PRP3'
2 polymer 'U4 snRNA fragment'
3 polymer 'U6 snRNA fragment'
#
loop_
_entity_poly.entity_id
_entity_poly.type
_entity_poly.pdbx_seq_one_letter_code
_entity_poly.pdbx_strand_id
1 'polypeptide(L)'
;GA(MSE)VVKDQVDLRKRKHLEENERRHEDAIKRRKEAVN(MSE)NVEKPTVYHCKVFQFKNLQNPKIRFKLK(MSE)NS
KELSLKGLCLRIRDDGPGIIIVVGNEKSCKFYENLV(MSE)KRIKWNEDFELHTNTGDIK(MSE)D(MSE)HNNSISKTW
EGYLQDCKFKGWF(MSE)KVCNDQDSLLRTLGQFDSEHFYSPVQT
;
A,B
2 'polyribonucleotide' AUCCUUAUGCACGGGAA C,D
3 'polyribonucleotide' UUCCCCUGCAUAAGGAUGAACCGUUUU E,F
#
# COMPACT_ATOMS: atom_id res chain seq x y z
N THR A 43 6.95 -10.53 -13.18
CA THR A 43 5.56 -10.13 -13.31
C THR A 43 5.03 -9.49 -12.03
N VAL A 44 4.85 -8.18 -12.03
CA VAL A 44 4.20 -7.54 -10.89
C VAL A 44 2.74 -7.20 -11.24
N TYR A 45 1.88 -7.22 -10.23
CA TYR A 45 0.46 -6.98 -10.43
C TYR A 45 0.01 -5.73 -9.67
N HIS A 46 -0.88 -4.94 -10.29
CA HIS A 46 -1.52 -3.84 -9.58
C HIS A 46 -2.27 -4.46 -8.43
N CYS A 47 -2.44 -3.69 -7.37
CA CYS A 47 -3.23 -4.12 -6.22
C CYS A 47 -4.00 -2.96 -5.61
N LYS A 48 -5.22 -3.22 -5.18
CA LYS A 48 -5.94 -2.21 -4.42
C LYS A 48 -6.50 -2.85 -3.17
N VAL A 49 -6.62 -2.03 -2.12
CA VAL A 49 -7.21 -2.49 -0.86
C VAL A 49 -8.24 -1.47 -0.39
N PHE A 50 -9.41 -2.00 -0.08
CA PHE A 50 -10.57 -1.24 0.39
C PHE A 50 -11.06 -1.75 1.72
N GLN A 51 -11.87 -0.92 2.39
CA GLN A 51 -12.54 -1.38 3.61
C GLN A 51 -13.98 -0.88 3.77
N PHE A 52 -14.89 -1.79 4.17
CA PHE A 52 -16.30 -1.45 4.34
C PHE A 52 -16.76 -1.61 5.77
N LYS A 53 -17.76 -0.82 6.16
CA LYS A 53 -18.29 -0.87 7.51
C LYS A 53 -19.29 -2.00 7.64
N ASN A 54 -20.12 -2.17 6.62
CA ASN A 54 -21.06 -3.27 6.63
C ASN A 54 -21.32 -3.89 5.25
N LEU A 55 -21.27 -5.21 5.20
CA LEU A 55 -21.64 -5.92 3.98
C LEU A 55 -22.65 -6.99 4.30
N GLN A 56 -23.94 -6.66 4.15
CA GLN A 56 -24.98 -7.63 4.40
C GLN A 56 -25.92 -7.72 3.20
N ASN A 57 -25.86 -6.69 2.37
CA ASN A 57 -26.64 -6.66 1.16
C ASN A 57 -26.10 -7.70 0.17
N PRO A 58 -26.93 -8.68 -0.16
CA PRO A 58 -26.53 -9.75 -1.06
C PRO A 58 -26.34 -9.26 -2.48
N LYS A 59 -27.07 -8.22 -2.87
CA LYS A 59 -26.91 -7.71 -4.23
C LYS A 59 -25.47 -7.26 -4.45
N ILE A 60 -24.92 -6.57 -3.44
CA ILE A 60 -23.53 -6.17 -3.43
C ILE A 60 -22.65 -7.41 -3.48
N ARG A 61 -22.64 -8.20 -2.40
CA ARG A 61 -21.78 -9.40 -2.35
C ARG A 61 -21.76 -10.22 -3.65
N PHE A 62 -22.91 -10.27 -4.31
CA PHE A 62 -22.98 -10.83 -5.64
C PHE A 62 -22.09 -10.01 -6.57
N LYS A 63 -22.33 -8.70 -6.65
CA LYS A 63 -21.54 -7.84 -7.57
C LYS A 63 -20.03 -7.99 -7.33
N LEU A 64 -19.65 -8.02 -6.06
CA LEU A 64 -18.27 -8.25 -5.67
C LEU A 64 -17.73 -9.58 -6.24
N LYS A 65 -18.33 -10.70 -5.86
CA LYS A 65 -17.81 -11.99 -6.35
C LYS A 65 -17.76 -12.10 -7.87
N ASN A 67 -17.82 -9.77 -10.17
CA ASN A 67 -16.85 -8.89 -10.80
C ASN A 67 -15.39 -9.32 -10.55
N SER A 68 -15.15 -9.98 -9.42
CA SER A 68 -13.82 -10.55 -9.19
C SER A 68 -13.47 -11.64 -10.18
N LYS A 69 -14.40 -12.57 -10.41
CA LYS A 69 -14.10 -13.67 -11.33
C LYS A 69 -14.10 -13.23 -12.80
N GLU A 70 -14.97 -12.29 -13.12
CA GLU A 70 -15.10 -11.84 -14.49
C GLU A 70 -13.93 -10.97 -14.92
N LEU A 71 -13.17 -10.47 -13.96
CA LEU A 71 -12.01 -9.62 -14.25
C LEU A 71 -10.71 -10.33 -13.97
N SER A 72 -10.79 -11.62 -13.70
CA SER A 72 -9.64 -12.44 -13.38
C SER A 72 -8.78 -11.84 -12.26
N LEU A 73 -9.41 -11.06 -11.40
CA LEU A 73 -8.74 -10.48 -10.23
C LEU A 73 -8.56 -11.57 -9.18
N LYS A 74 -7.40 -11.59 -8.57
CA LYS A 74 -7.15 -12.51 -7.48
C LYS A 74 -7.35 -11.70 -6.23
N GLY A 75 -7.16 -12.32 -5.07
CA GLY A 75 -7.33 -11.58 -3.84
C GLY A 75 -8.36 -12.19 -2.91
N LEU A 76 -9.16 -11.33 -2.27
CA LEU A 76 -10.22 -11.78 -1.37
C LEU A 76 -11.10 -10.65 -0.83
N CYS A 77 -12.15 -11.05 -0.10
CA CYS A 77 -13.01 -10.13 0.66
C CYS A 77 -13.43 -10.72 2.00
N LEU A 78 -13.03 -10.08 3.10
CA LEU A 78 -13.36 -10.58 4.43
C LEU A 78 -14.19 -9.60 5.26
N ARG A 79 -14.72 -10.10 6.38
CA ARG A 79 -15.53 -9.34 7.34
C ARG A 79 -15.67 -10.15 8.63
N ILE A 80 -15.77 -9.46 9.74
CA ILE A 80 -15.85 -10.16 11.01
C ILE A 80 -17.31 -10.31 11.40
N ARG A 81 -17.81 -11.55 11.30
CA ARG A 81 -19.23 -11.86 11.48
C ARG A 81 -20.11 -11.20 10.42
N ASP A 82 -21.24 -11.82 10.13
CA ASP A 82 -22.10 -11.42 9.02
C ASP A 82 -22.45 -9.93 9.00
N ASP A 83 -22.70 -9.38 10.18
CA ASP A 83 -23.14 -8.01 10.31
C ASP A 83 -21.96 -7.06 10.43
N GLY A 84 -20.76 -7.57 10.15
CA GLY A 84 -19.55 -6.84 10.50
C GLY A 84 -19.00 -5.92 9.43
N PRO A 85 -17.81 -5.35 9.69
CA PRO A 85 -16.99 -4.59 8.75
C PRO A 85 -15.79 -5.41 8.31
N GLY A 86 -15.27 -5.13 7.12
CA GLY A 86 -14.16 -5.91 6.59
C GLY A 86 -13.38 -5.27 5.47
N ILE A 87 -12.72 -6.11 4.67
CA ILE A 87 -11.70 -5.66 3.74
C ILE A 87 -11.79 -6.30 2.36
N ILE A 88 -11.57 -5.53 1.30
CA ILE A 88 -11.42 -6.17 0.00
C ILE A 88 -10.01 -5.93 -0.56
N ILE A 89 -9.42 -6.98 -1.10
CA ILE A 89 -8.12 -6.91 -1.78
C ILE A 89 -8.23 -7.46 -3.20
N VAL A 90 -7.91 -6.61 -4.17
CA VAL A 90 -7.92 -7.05 -5.56
C VAL A 90 -6.56 -6.94 -6.27
N VAL A 91 -6.09 -8.06 -6.79
CA VAL A 91 -4.79 -8.15 -7.43
C VAL A 91 -5.00 -8.46 -8.89
N GLY A 92 -4.52 -7.59 -9.77
CA GLY A 92 -4.68 -7.88 -11.17
C GLY A 92 -3.97 -6.91 -12.07
N ASN A 93 -4.34 -6.91 -13.35
CA ASN A 93 -3.81 -5.91 -14.24
C ASN A 93 -4.44 -4.57 -13.90
N GLU A 94 -3.84 -3.49 -14.39
CA GLU A 94 -4.32 -2.15 -14.13
C GLU A 94 -5.79 -2.04 -14.47
N LYS A 95 -6.13 -2.17 -15.75
CA LYS A 95 -7.48 -1.93 -16.25
C LYS A 95 -8.58 -2.61 -15.42
N SER A 96 -8.31 -3.82 -14.96
CA SER A 96 -9.26 -4.56 -14.13
C SER A 96 -9.42 -3.90 -12.77
N CYS A 97 -8.29 -3.53 -12.18
CA CYS A 97 -8.28 -2.93 -10.85
C CYS A 97 -8.84 -1.51 -10.86
N LYS A 98 -8.60 -0.75 -11.92
CA LYS A 98 -9.17 0.58 -12.06
C LYS A 98 -10.67 0.47 -12.30
N PHE A 99 -11.06 -0.54 -13.07
CA PHE A 99 -12.47 -0.73 -13.36
C PHE A 99 -13.24 -1.16 -12.12
N TYR A 100 -12.61 -2.02 -11.34
CA TYR A 100 -13.19 -2.54 -10.11
C TYR A 100 -13.21 -1.46 -9.05
N GLU A 101 -12.22 -0.57 -9.10
CA GLU A 101 -12.19 0.55 -8.17
C GLU A 101 -13.38 1.42 -8.50
N ASN A 102 -13.52 1.79 -9.77
CA ASN A 102 -14.69 2.56 -10.21
C ASN A 102 -15.97 1.88 -9.78
N LEU A 103 -15.98 0.55 -9.85
CA LEU A 103 -17.12 -0.22 -9.40
C LEU A 103 -17.44 0.07 -7.93
N VAL A 104 -16.59 -0.41 -7.03
CA VAL A 104 -16.89 -0.33 -5.60
C VAL A 104 -17.09 1.10 -5.13
N LYS A 106 -17.68 4.17 -7.11
CA LYS A 106 -18.57 5.11 -7.77
C LYS A 106 -19.93 4.50 -8.13
N ARG A 107 -19.97 3.20 -8.42
CA ARG A 107 -21.20 2.63 -8.95
C ARG A 107 -22.07 2.00 -7.86
N ILE A 108 -21.46 1.39 -6.86
CA ILE A 108 -22.22 0.80 -5.76
C ILE A 108 -22.52 1.80 -4.65
N LYS A 109 -23.81 2.03 -4.40
CA LYS A 109 -24.22 2.94 -3.34
C LYS A 109 -24.49 2.19 -2.03
N TRP A 110 -23.47 2.09 -1.19
CA TRP A 110 -23.51 1.36 0.07
C TRP A 110 -24.34 2.10 1.11
N ASN A 111 -24.64 3.36 0.83
CA ASN A 111 -25.33 4.21 1.79
C ASN A 111 -26.83 3.94 1.81
N GLU A 112 -27.34 3.30 0.76
CA GLU A 112 -28.78 3.11 0.64
C GLU A 112 -29.26 1.84 1.35
N ASP A 113 -30.34 2.00 2.12
CA ASP A 113 -30.98 0.91 2.87
C ASP A 113 -31.68 -0.07 1.95
N PHE A 114 -31.83 -1.31 2.41
CA PHE A 114 -32.48 -2.31 1.55
C PHE A 114 -33.39 -3.24 2.35
N GLU A 115 -33.94 -4.26 1.69
CA GLU A 115 -34.86 -5.18 2.35
C GLU A 115 -34.40 -6.62 2.28
N LEU A 116 -34.15 -7.22 3.44
CA LEU A 116 -33.66 -8.60 3.50
C LEU A 116 -34.83 -9.56 3.58
N HIS A 117 -35.03 -10.29 2.49
CA HIS A 117 -36.06 -11.32 2.40
C HIS A 117 -35.64 -12.47 3.28
N THR A 118 -36.53 -12.95 4.11
CA THR A 118 -36.13 -13.91 5.11
C THR A 118 -37.16 -15.01 5.26
N ASN A 119 -36.76 -16.11 5.89
CA ASN A 119 -37.65 -17.21 6.21
C ASN A 119 -38.89 -16.76 6.97
N THR A 120 -38.80 -15.61 7.61
CA THR A 120 -39.85 -15.09 8.46
C THR A 120 -40.64 -13.96 7.80
N GLY A 121 -40.01 -13.29 6.85
CA GLY A 121 -40.61 -12.18 6.18
C GLY A 121 -39.61 -11.04 6.12
N ASP A 122 -39.88 -10.06 5.26
CA ASP A 122 -38.97 -8.95 5.02
C ASP A 122 -38.53 -8.22 6.27
N ILE A 123 -37.33 -7.66 6.19
CA ILE A 123 -36.75 -6.88 7.27
C ILE A 123 -36.21 -5.56 6.72
N LYS A 124 -36.55 -4.45 7.36
CA LYS A 124 -36.05 -3.16 6.94
C LYS A 124 -34.60 -3.03 7.37
N ASP A 126 -31.08 -1.40 7.56
CA ASP A 126 -30.54 -0.05 7.68
C ASP A 126 -29.12 0.05 7.14
N HIS A 128 -27.78 3.16 6.08
CA HIS A 128 -27.46 4.58 6.04
C HIS A 128 -26.11 4.84 6.70
N ASN A 129 -25.68 3.91 7.54
CA ASN A 129 -24.44 4.08 8.29
C ASN A 129 -23.31 3.22 7.71
N ASN A 130 -23.41 2.93 6.42
CA ASN A 130 -22.42 2.13 5.71
C ASN A 130 -21.52 3.02 4.88
N SER A 131 -20.29 2.57 4.66
CA SER A 131 -19.33 3.31 3.84
C SER A 131 -18.23 2.38 3.34
N ILE A 132 -17.61 2.74 2.23
CA ILE A 132 -16.49 1.97 1.70
C ILE A 132 -15.40 2.94 1.27
N SER A 133 -14.18 2.68 1.71
CA SER A 133 -13.06 3.52 1.32
C SER A 133 -11.91 2.64 0.84
N LYS A 134 -10.91 3.28 0.22
CA LYS A 134 -9.70 2.59 -0.24
C LYS A 134 -8.50 2.84 0.66
N THR A 135 -8.01 1.80 1.31
CA THR A 135 -6.89 1.99 2.21
C THR A 135 -5.55 1.89 1.48
N TRP A 136 -5.50 1.16 0.37
CA TRP A 136 -4.23 1.00 -0.33
C TRP A 136 -4.36 0.88 -1.81
N GLU A 137 -3.24 1.12 -2.46
CA GLU A 137 -3.07 0.75 -3.86
C GLU A 137 -1.60 0.79 -4.20
N GLY A 138 -1.19 -0.04 -5.14
CA GLY A 138 0.21 -0.04 -5.54
C GLY A 138 0.54 -1.29 -6.30
N TYR A 139 1.76 -1.76 -6.14
CA TYR A 139 2.21 -2.88 -6.93
C TYR A 139 2.76 -4.01 -6.09
N LEU A 140 2.52 -5.22 -6.53
CA LEU A 140 2.90 -6.36 -5.73
C LEU A 140 3.73 -7.29 -6.59
N GLN A 141 4.86 -7.73 -6.03
CA GLN A 141 5.86 -8.50 -6.78
C GLN A 141 5.31 -9.87 -7.15
N ASP A 142 4.67 -10.51 -6.18
CA ASP A 142 4.06 -11.81 -6.37
C ASP A 142 3.00 -11.98 -5.31
N CYS A 143 1.81 -12.40 -5.73
CA CYS A 143 0.72 -12.61 -4.78
C CYS A 143 0.49 -14.10 -4.50
N LYS A 144 0.53 -14.46 -3.20
CA LYS A 144 0.28 -15.84 -2.77
C LYS A 144 -1.22 -16.13 -2.82
N PHE A 145 -1.95 -15.11 -3.24
CA PHE A 145 -3.35 -15.21 -3.54
C PHE A 145 -3.56 -16.09 -4.73
N LYS A 146 -4.36 -17.14 -4.55
CA LYS A 146 -4.60 -18.12 -5.61
C LYS A 146 -5.79 -17.79 -6.50
N GLY A 147 -6.96 -17.63 -5.89
CA GLY A 147 -8.19 -17.38 -6.63
C GLY A 147 -8.81 -16.07 -6.22
N TRP A 148 -10.08 -16.11 -5.83
CA TRP A 148 -10.72 -14.99 -5.12
C TRP A 148 -11.93 -15.50 -4.36
N PHE A 149 -11.99 -15.18 -3.08
CA PHE A 149 -13.11 -15.67 -2.31
C PHE A 149 -13.55 -14.66 -1.30
N LYS A 151 -14.81 -14.53 2.62
CA LYS A 151 -15.01 -15.24 3.87
C LYS A 151 -15.77 -14.37 4.91
N VAL A 152 -16.12 -15.00 6.04
CA VAL A 152 -16.72 -14.31 7.18
C VAL A 152 -16.07 -14.80 8.46
N CYS A 153 -15.19 -13.97 9.05
CA CYS A 153 -14.39 -14.40 10.19
C CYS A 153 -15.08 -14.18 11.53
N ASN A 154 -14.84 -15.12 12.44
CA ASN A 154 -15.39 -15.06 13.79
C ASN A 154 -14.96 -13.81 14.54
N ASP A 155 -13.69 -13.76 14.93
CA ASP A 155 -13.14 -12.58 15.56
C ASP A 155 -12.22 -11.84 14.60
N GLN A 156 -11.61 -10.76 15.08
CA GLN A 156 -10.62 -10.05 14.26
C GLN A 156 -9.36 -10.88 14.12
N ASP A 157 -9.02 -11.63 15.17
CA ASP A 157 -7.87 -12.53 15.13
C ASP A 157 -7.95 -13.52 13.99
N SER A 158 -9.12 -14.10 13.78
CA SER A 158 -9.25 -15.09 12.72
C SER A 158 -9.03 -14.39 11.39
N LEU A 159 -9.50 -13.14 11.32
CA LEU A 159 -9.36 -12.36 10.11
C LEU A 159 -7.90 -12.09 9.83
N LEU A 160 -7.16 -11.72 10.87
CA LEU A 160 -5.73 -11.49 10.70
C LEU A 160 -5.12 -12.74 10.15
N ARG A 161 -5.22 -13.83 10.92
CA ARG A 161 -4.57 -15.09 10.54
C ARG A 161 -4.87 -15.43 9.10
N THR A 162 -6.12 -15.27 8.71
CA THR A 162 -6.52 -15.53 7.32
C THR A 162 -5.69 -14.64 6.41
N LEU A 163 -5.49 -13.39 6.80
CA LEU A 163 -4.62 -12.54 5.98
C LEU A 163 -3.15 -12.98 6.06
N GLY A 164 -2.84 -13.78 7.09
CA GLY A 164 -1.48 -14.16 7.41
C GLY A 164 -1.06 -15.38 6.65
N GLN A 165 -2.04 -16.12 6.12
CA GLN A 165 -1.73 -17.15 5.14
C GLN A 165 -1.04 -16.49 3.97
N PHE A 166 -1.57 -15.34 3.57
CA PHE A 166 -1.14 -14.68 2.35
C PHE A 166 -0.31 -13.44 2.58
N ASP A 167 0.24 -13.30 3.78
CA ASP A 167 1.05 -12.14 4.13
C ASP A 167 0.41 -10.84 3.64
N SER A 168 -0.70 -10.46 4.28
CA SER A 168 -1.43 -9.27 3.86
C SER A 168 -2.00 -8.54 5.06
N GLU A 169 -1.78 -9.12 6.23
CA GLU A 169 -2.26 -8.59 7.48
C GLU A 169 -1.95 -7.11 7.55
N HIS A 170 -0.86 -6.74 6.90
CA HIS A 170 -0.39 -5.36 6.84
C HIS A 170 -1.28 -4.43 6.00
N PHE A 171 -2.43 -4.92 5.54
CA PHE A 171 -3.36 -4.06 4.82
C PHE A 171 -4.57 -3.75 5.72
N TYR A 172 -4.61 -4.36 6.89
CA TYR A 172 -5.74 -4.20 7.77
C TYR A 172 -5.51 -3.07 8.76
N SER A 173 -6.41 -2.07 8.76
CA SER A 173 -6.42 -1.10 9.86
C SER A 173 -7.58 -1.49 10.81
N PRO A 174 -7.20 -2.23 11.87
CA PRO A 174 -8.05 -2.95 12.81
C PRO A 174 -9.20 -2.12 13.36
N VAL A 175 -10.17 -2.82 13.93
CA VAL A 175 -11.32 -2.20 14.60
C VAL A 175 -12.04 -1.18 13.72
N THR B 43 -5.81 8.77 15.07
CA THR B 43 -5.02 9.47 14.07
C THR B 43 -4.43 8.48 13.05
N VAL B 44 -4.97 8.51 11.83
CA VAL B 44 -4.35 7.74 10.75
C VAL B 44 -3.52 8.68 9.90
N TYR B 45 -2.43 8.17 9.35
CA TYR B 45 -1.54 9.00 8.57
C TYR B 45 -1.44 8.49 7.14
N HIS B 46 -1.45 9.41 6.18
N HIS B 46 -1.47 9.40 6.19
CA HIS B 46 -1.21 9.04 4.79
CA HIS B 46 -1.23 9.06 4.79
C HIS B 46 0.19 8.48 4.66
C HIS B 46 0.17 8.44 4.69
N CYS B 47 0.38 7.57 3.70
CA CYS B 47 1.69 6.99 3.50
C CYS B 47 2.00 6.76 2.03
N LYS B 48 3.24 6.98 1.63
CA LYS B 48 3.65 6.58 0.31
C LYS B 48 4.98 5.86 0.33
N VAL B 49 5.13 4.95 -0.63
CA VAL B 49 6.34 4.16 -0.75
C VAL B 49 6.86 4.20 -2.17
N PHE B 50 8.15 4.50 -2.27
CA PHE B 50 8.89 4.60 -3.51
C PHE B 50 10.07 3.65 -3.52
N GLN B 51 10.60 3.41 -4.71
CA GLN B 51 11.83 2.65 -4.85
C GLN B 51 12.74 3.19 -5.96
N PHE B 52 14.03 3.29 -5.64
CA PHE B 52 15.05 3.80 -6.56
C PHE B 52 16.12 2.77 -6.92
N LYS B 53 16.70 2.89 -8.10
CA LYS B 53 17.72 1.96 -8.55
C LYS B 53 19.10 2.32 -8.01
N ASN B 54 19.40 3.61 -7.99
CA ASN B 54 20.66 4.04 -7.44
C ASN B 54 20.53 5.38 -6.73
N LEU B 55 21.06 5.47 -5.52
CA LEU B 55 21.11 6.74 -4.83
C LEU B 55 22.53 7.00 -4.40
N GLN B 56 23.26 7.74 -5.23
CA GLN B 56 24.63 8.06 -4.89
C GLN B 56 24.89 9.55 -5.00
N ASN B 57 24.03 10.24 -5.73
CA ASN B 57 24.15 11.68 -5.85
C ASN B 57 23.81 12.35 -4.53
N PRO B 58 24.79 13.07 -3.96
CA PRO B 58 24.66 13.72 -2.65
C PRO B 58 23.68 14.86 -2.67
N LYS B 59 23.54 15.55 -3.80
CA LYS B 59 22.58 16.64 -3.89
C LYS B 59 21.18 16.06 -3.61
N ILE B 60 20.94 14.88 -4.18
CA ILE B 60 19.69 14.18 -3.93
C ILE B 60 19.60 13.87 -2.45
N ARG B 61 20.40 12.93 -1.95
CA ARG B 61 20.32 12.52 -0.55
C ARG B 61 20.13 13.69 0.46
N PHE B 62 20.79 14.81 0.18
CA PHE B 62 20.55 16.03 0.93
C PHE B 62 19.11 16.45 0.74
N LYS B 63 18.68 16.63 -0.51
CA LYS B 63 17.30 17.05 -0.77
C LYS B 63 16.27 16.15 -0.08
N LEU B 64 16.48 14.85 -0.18
CA LEU B 64 15.65 13.87 0.51
C LEU B 64 15.60 14.15 2.01
N LYS B 65 16.77 14.12 2.67
CA LYS B 65 16.78 14.29 4.12
C LYS B 65 16.12 15.59 4.56
N ASN B 67 13.99 17.70 2.88
CA ASN B 67 12.56 17.77 2.63
C ASN B 67 11.74 16.85 3.53
N SER B 68 12.31 15.71 3.92
CA SER B 68 11.63 14.88 4.92
C SER B 68 11.54 15.58 6.25
N LYS B 69 12.64 16.18 6.72
CA LYS B 69 12.56 16.77 8.06
C LYS B 69 11.71 18.05 8.09
N GLU B 70 11.74 18.82 7.01
CA GLU B 70 11.04 20.10 6.96
C GLU B 70 9.51 19.94 6.89
N LEU B 71 9.07 18.74 6.51
CA LEU B 71 7.64 18.46 6.35
C LEU B 71 7.15 17.53 7.44
N SER B 72 8.00 17.31 8.43
CA SER B 72 7.72 16.38 9.53
C SER B 72 7.23 15.01 9.06
N LEU B 73 7.65 14.62 7.86
CA LEU B 73 7.32 13.30 7.33
C LEU B 73 8.12 12.36 8.16
N LYS B 74 7.52 11.26 8.58
CA LYS B 74 8.27 10.24 9.28
C LYS B 74 8.56 9.20 8.25
N GLY B 75 9.19 8.12 8.67
CA GLY B 75 9.48 7.09 7.69
C GLY B 75 10.96 6.79 7.61
N LEU B 76 11.43 6.57 6.38
CA LEU B 76 12.85 6.31 6.14
C LEU B 76 13.20 6.17 4.67
N CYS B 77 14.51 6.06 4.42
CA CYS B 77 15.07 5.75 3.11
C CYS B 77 16.25 4.79 3.22
N LEU B 78 16.12 3.61 2.64
CA LEU B 78 17.19 2.63 2.72
C LEU B 78 17.72 2.24 1.34
N ARG B 79 18.85 1.52 1.31
CA ARG B 79 19.48 1.02 0.07
C ARG B 79 20.56 -0.01 0.42
N ILE B 80 20.80 -0.95 -0.48
CA ILE B 80 21.76 -2.02 -0.20
C ILE B 80 23.14 -1.69 -0.78
N ARG B 81 24.10 -1.39 0.11
CA ARG B 81 25.42 -0.87 -0.25
C ARG B 81 25.28 0.52 -0.90
N ASP B 82 26.30 1.36 -0.74
CA ASP B 82 26.20 2.76 -1.16
C ASP B 82 25.72 2.87 -2.61
N ASP B 83 26.21 1.96 -3.45
CA ASP B 83 25.99 1.98 -4.90
C ASP B 83 24.70 1.28 -5.28
N GLY B 84 23.86 1.01 -4.27
CA GLY B 84 22.71 0.14 -4.44
C GLY B 84 21.40 0.80 -4.83
N PRO B 85 20.32 -0.01 -4.83
CA PRO B 85 18.93 0.40 -4.97
C PRO B 85 18.22 0.24 -3.62
N GLY B 86 17.17 1.03 -3.42
CA GLY B 86 16.46 0.98 -2.16
C GLY B 86 15.09 1.61 -2.19
N ILE B 87 14.61 2.02 -1.01
CA ILE B 87 13.21 2.36 -0.82
C ILE B 87 13.01 3.64 0.01
N ILE B 88 12.03 4.47 -0.34
CA ILE B 88 11.66 5.55 0.55
C ILE B 88 10.23 5.36 1.03
N ILE B 89 10.02 5.60 2.32
CA ILE B 89 8.70 5.58 2.92
C ILE B 89 8.47 6.92 3.61
N VAL B 90 7.44 7.63 3.17
CA VAL B 90 7.10 8.88 3.83
C VAL B 90 5.69 8.82 4.41
N VAL B 91 5.59 9.06 5.72
CA VAL B 91 4.33 8.99 6.45
C VAL B 91 3.98 10.35 7.01
N GLY B 92 2.86 10.92 6.61
CA GLY B 92 2.46 12.21 7.14
C GLY B 92 1.08 12.62 6.70
N ASN B 93 0.77 13.91 6.81
CA ASN B 93 -0.49 14.39 6.27
C ASN B 93 -0.45 14.33 4.75
N GLU B 94 -1.62 14.45 4.13
CA GLU B 94 -1.73 14.36 2.69
C GLU B 94 -0.76 15.33 2.03
N LYS B 95 -1.02 16.63 2.16
CA LYS B 95 -0.25 17.64 1.41
C LYS B 95 1.28 17.48 1.48
N SER B 96 1.81 17.06 2.63
CA SER B 96 3.24 16.84 2.77
C SER B 96 3.70 15.67 1.92
N CYS B 97 2.97 14.56 1.98
CA CYS B 97 3.33 13.37 1.23
C CYS B 97 3.11 13.58 -0.26
N LYS B 98 2.07 14.32 -0.63
CA LYS B 98 1.84 14.63 -2.03
C LYS B 98 2.92 15.58 -2.53
N PHE B 99 3.34 16.51 -1.69
CA PHE B 99 4.35 17.48 -2.08
C PHE B 99 5.71 16.81 -2.26
N TYR B 100 5.98 15.84 -1.39
CA TYR B 100 7.22 15.06 -1.44
C TYR B 100 7.19 14.11 -2.61
N GLU B 101 6.00 13.66 -2.95
CA GLU B 101 5.85 12.80 -4.11
C GLU B 101 6.15 13.63 -5.34
N ASN B 102 5.48 14.77 -5.50
CA ASN B 102 5.78 15.67 -6.61
C ASN B 102 7.26 15.98 -6.64
N LEU B 103 7.87 16.14 -5.47
CA LEU B 103 9.29 16.37 -5.41
C LEU B 103 10.05 15.22 -6.10
N VAL B 104 10.00 14.05 -5.50
CA VAL B 104 10.80 12.93 -5.98
C VAL B 104 10.50 12.56 -7.43
N LYS B 106 8.87 14.48 -9.91
CA LYS B 106 8.91 15.50 -10.94
C LYS B 106 10.12 16.42 -10.85
N ARG B 107 10.63 16.65 -9.64
CA ARG B 107 11.65 17.69 -9.47
C ARG B 107 13.07 17.14 -9.42
N ILE B 108 13.26 15.98 -8.82
CA ILE B 108 14.58 15.37 -8.80
C ILE B 108 14.76 14.50 -10.04
N LYS B 109 15.74 14.88 -10.87
CA LYS B 109 16.04 14.14 -12.09
C LYS B 109 17.18 13.13 -11.87
N TRP B 110 16.80 11.90 -11.55
CA TRP B 110 17.74 10.83 -11.21
C TRP B 110 18.50 10.33 -12.44
N ASN B 111 18.04 10.76 -13.61
CA ASN B 111 18.54 10.28 -14.89
C ASN B 111 19.86 10.93 -15.31
N GLU B 112 20.19 12.07 -14.71
CA GLU B 112 21.35 12.82 -15.15
C GLU B 112 22.62 12.36 -14.47
N ASP B 113 23.65 12.11 -15.28
CA ASP B 113 24.94 11.70 -14.75
C ASP B 113 25.52 12.90 -14.03
N PHE B 114 26.39 12.66 -13.05
CA PHE B 114 26.97 13.78 -12.32
C PHE B 114 28.41 13.48 -12.00
N GLU B 115 29.09 14.37 -11.27
CA GLU B 115 30.50 14.14 -10.95
C GLU B 115 30.70 14.16 -9.44
N LEU B 116 31.19 13.05 -8.92
CA LEU B 116 31.41 12.95 -7.48
C LEU B 116 32.82 13.37 -7.13
N HIS B 117 32.91 14.50 -6.43
CA HIS B 117 34.18 15.01 -5.94
C HIS B 117 34.66 14.11 -4.80
N THR B 118 35.93 13.72 -4.83
CA THR B 118 36.41 12.68 -3.92
C THR B 118 37.78 13.01 -3.36
N ASN B 119 38.19 12.28 -2.33
CA ASN B 119 39.54 12.41 -1.76
C ASN B 119 40.67 12.24 -2.77
N THR B 120 40.37 11.56 -3.88
CA THR B 120 41.36 11.25 -4.90
C THR B 120 41.22 12.17 -6.12
N GLY B 121 40.01 12.68 -6.31
CA GLY B 121 39.69 13.53 -7.45
C GLY B 121 38.37 13.16 -8.07
N ASP B 122 37.81 14.07 -8.87
CA ASP B 122 36.49 13.90 -9.45
C ASP B 122 36.34 12.58 -10.17
N ILE B 123 35.12 12.07 -10.17
CA ILE B 123 34.79 10.84 -10.87
C ILE B 123 33.52 11.08 -11.64
N LYS B 124 33.49 10.71 -12.92
CA LYS B 124 32.25 10.81 -13.68
C LYS B 124 31.33 9.63 -13.32
N ASP B 126 27.94 7.66 -13.73
CA ASP B 126 26.91 7.28 -14.71
C ASP B 126 25.57 7.07 -14.03
N HIS B 128 22.58 7.16 -15.72
CA HIS B 128 21.71 7.10 -16.88
C HIS B 128 20.65 6.01 -16.76
N ASN B 129 20.95 4.98 -15.97
CA ASN B 129 20.04 3.86 -15.80
C ASN B 129 19.38 3.89 -14.44
N ASN B 130 19.21 5.09 -13.91
CA ASN B 130 18.59 5.23 -12.61
C ASN B 130 17.13 5.57 -12.83
N SER B 131 16.31 5.19 -11.85
CA SER B 131 14.88 5.44 -11.94
C SER B 131 14.28 5.45 -10.55
N ILE B 132 13.13 6.11 -10.43
CA ILE B 132 12.40 6.15 -9.17
C ILE B 132 10.94 5.96 -9.49
N SER B 133 10.27 5.05 -8.79
CA SER B 133 8.84 4.86 -8.99
C SER B 133 8.14 4.91 -7.64
N LYS B 134 6.80 4.95 -7.67
CA LYS B 134 5.99 4.91 -6.46
C LYS B 134 5.45 3.50 -6.35
N THR B 135 5.83 2.74 -5.32
CA THR B 135 5.27 1.38 -5.19
C THR B 135 3.95 1.33 -4.39
N TRP B 136 3.73 2.30 -3.52
CA TRP B 136 2.53 2.32 -2.69
C TRP B 136 2.07 3.70 -2.33
N GLU B 137 0.81 3.78 -1.91
CA GLU B 137 0.27 4.92 -1.24
C GLU B 137 -1.03 4.50 -0.56
N GLY B 138 -1.39 5.15 0.53
CA GLY B 138 -2.62 4.80 1.20
C GLY B 138 -2.64 5.33 2.60
N TYR B 139 -3.26 4.57 3.52
CA TYR B 139 -3.48 5.06 4.86
C TYR B 139 -2.96 4.09 5.91
N LEU B 140 -2.44 4.65 6.98
CA LEU B 140 -1.77 3.86 8.00
C LEU B 140 -2.37 4.11 9.36
N GLN B 141 -2.58 3.02 10.08
CA GLN B 141 -3.27 3.04 11.37
C GLN B 141 -2.43 3.78 12.42
N ASP B 142 -1.16 3.41 12.49
CA ASP B 142 -0.22 3.99 13.44
C ASP B 142 1.16 3.69 12.90
N CYS B 143 2.06 4.67 12.88
CA CYS B 143 3.42 4.36 12.40
C CYS B 143 4.44 4.27 13.54
N LYS B 144 5.12 3.14 13.61
CA LYS B 144 6.17 2.93 14.60
C LYS B 144 7.44 3.67 14.17
N PHE B 145 7.32 4.33 13.02
CA PHE B 145 8.35 5.23 12.55
C PHE B 145 8.43 6.38 13.52
N LYS B 146 9.61 6.59 14.08
CA LYS B 146 9.83 7.61 15.10
C LYS B 146 10.22 8.94 14.47
N GLY B 147 11.30 8.93 13.69
CA GLY B 147 11.78 10.15 13.08
C GLY B 147 11.72 9.99 11.58
N TRP B 148 12.84 10.26 10.90
CA TRP B 148 13.08 9.86 9.50
C TRP B 148 14.56 9.83 9.26
N PHE B 149 15.05 8.74 8.68
CA PHE B 149 16.48 8.66 8.47
C PHE B 149 16.83 7.97 7.17
N LYS B 151 19.48 5.02 5.91
CA LYS B 151 20.46 4.03 6.24
C LYS B 151 21.02 3.55 4.93
N VAL B 152 22.07 2.71 5.01
CA VAL B 152 22.65 2.00 3.86
C VAL B 152 22.93 0.58 4.33
N CYS B 153 22.11 -0.38 3.91
CA CYS B 153 22.18 -1.72 4.48
C CYS B 153 23.18 -2.63 3.79
N ASN B 154 23.80 -3.51 4.57
CA ASN B 154 24.81 -4.46 4.10
C ASN B 154 24.26 -5.37 3.01
N ASP B 155 23.42 -6.32 3.39
CA ASP B 155 22.74 -7.18 2.41
C ASP B 155 21.28 -6.76 2.28
N GLN B 156 20.51 -7.52 1.50
CA GLN B 156 19.07 -7.28 1.45
C GLN B 156 18.42 -7.71 2.75
N ASP B 157 18.93 -8.77 3.33
CA ASP B 157 18.46 -9.23 4.63
C ASP B 157 18.53 -8.13 5.68
N SER B 158 19.62 -7.36 5.70
CA SER B 158 19.69 -6.29 6.67
C SER B 158 18.62 -5.26 6.36
N LEU B 159 18.33 -5.04 5.08
CA LEU B 159 17.32 -4.06 4.72
C LEU B 159 15.98 -4.50 5.23
N LEU B 160 15.66 -5.76 4.98
CA LEU B 160 14.41 -6.34 5.44
C LEU B 160 14.30 -6.18 6.94
N ARG B 161 15.27 -6.72 7.68
CA ARG B 161 15.23 -6.65 9.15
C ARG B 161 15.01 -5.23 9.64
N THR B 162 15.75 -4.30 9.05
CA THR B 162 15.61 -2.88 9.38
C THR B 162 14.16 -2.45 9.17
N LEU B 163 13.53 -2.95 8.11
CA LEU B 163 12.11 -2.68 7.93
C LEU B 163 11.24 -3.44 8.94
N GLY B 164 11.80 -4.49 9.54
CA GLY B 164 11.06 -5.46 10.32
C GLY B 164 10.94 -4.99 11.75
N GLN B 165 11.82 -4.06 12.11
CA GLN B 165 11.62 -3.33 13.33
C GLN B 165 10.26 -2.64 13.21
N PHE B 166 9.98 -2.07 12.03
CA PHE B 166 8.80 -1.22 11.89
C PHE B 166 7.65 -1.85 11.12
N ASP B 167 7.70 -3.18 10.97
CA ASP B 167 6.67 -3.92 10.26
C ASP B 167 6.27 -3.21 8.96
N SER B 168 7.19 -3.19 8.00
CA SER B 168 6.98 -2.52 6.73
C SER B 168 7.65 -3.26 5.58
N GLU B 169 8.30 -4.37 5.92
CA GLU B 169 8.96 -5.22 4.95
C GLU B 169 8.03 -5.50 3.79
N HIS B 170 6.75 -5.53 4.09
CA HIS B 170 5.75 -5.80 3.08
C HIS B 170 5.64 -4.67 2.05
N PHE B 171 6.50 -3.67 2.14
CA PHE B 171 6.51 -2.62 1.15
C PHE B 171 7.72 -2.84 0.23
N TYR B 172 8.50 -3.86 0.55
CA TYR B 172 9.72 -4.12 -0.21
C TYR B 172 9.47 -5.09 -1.34
N SER B 173 9.75 -4.64 -2.56
CA SER B 173 9.80 -5.52 -3.73
C SER B 173 11.26 -5.77 -4.12
N PRO B 174 11.82 -6.89 -3.63
CA PRO B 174 13.23 -7.28 -3.70
C PRO B 174 13.81 -7.23 -5.10
N VAL B 175 15.15 -7.26 -5.19
CA VAL B 175 15.88 -7.26 -6.47
C VAL B 175 15.50 -6.07 -7.36
#